data_1F9D
#
_entry.id   1F9D
#
_cell.length_a   61.330
_cell.length_b   84.740
_cell.length_c   121.720
_cell.angle_alpha   90.00
_cell.angle_beta   90.00
_cell.angle_gamma   90.00
#
_symmetry.space_group_name_H-M   'P 21 21 21'
#
loop_
_entity.id
_entity.type
_entity.pdbx_description
1 polymer 'ENDO-1,4-BETA-GLUCANASE F'
2 branched alpha-D-glucopyranose-(1-4)-alpha-D-glucopyranose-(1-4)-alpha-D-glucopyranose-(1-4)-alpha-D-glucopyranose-(1-4)-alpha-D-glucopyranose
3 branched alpha-D-glucopyranose-(1-4)-alpha-D-glucopyranose-(1-4)-alpha-D-glucopyranose-(1-4)-alpha-D-glucopyranose
4 non-polymer 'CALCIUM ION'
5 water water
#
_entity_poly.entity_id   1
_entity_poly.type   'polypeptide(L)'
_entity_poly.pdbx_seq_one_letter_code
;ASSPANKVYQDRFESMYSKIKDPANGYFSEQGIPYHSIETLMVEAPDYGHVTTSQAMSYYMWLEAMHGRFSGDFTGFDKS
WSVTEQYLIPTEKDQPNTSMSRYDANKPATYAPEFQDPSKYPSPLDTSQPVGRDPINSQLTSAYGTSMLYGMHWILDVDN
WYGFGARADGTSKPSYINTFQRGEQESTWETIPQPCWDEHKFGGQYGFLDLFTKDTGTPAKQFKYTNAPDADARAVQATY
WADQWAKEQGKSVSTSVGKATKMGDYLRYSFFDKYFRKIGQPSQAGTGYDAAHYLLSWYYAWGGGIDSTWSWIIGSSHNH
FGYQNPFAAWVLSTDANFKPKSSNGASDWAKSLDRQLEFYQWLQSAEGAIAGGATNSWNGRYEAVPSGTSTFYGMGYVEN
PVYADPGSNTWFGMQVWSMQRVAELYYKTGDARAKKLLDKWAKWINGEIKFNADGTFQIPSTIDWEGQPDTWNPTQGYTG
NANLHVKVVNYGTDLGCASSLANTLTYYAAKSGDETSRQNAQKLLDAMWNNYSDSKGISTVEQRGDYHRFLDQEVFVPAG
WTGKMPNGDVIKSGVKFIDIRSKYKQDPEWQTMVAALQAGQVPTQRLHRFWAQSEFAVANGVYAILFPD
;
_entity_poly.pdbx_strand_id   A
#
# COMPACT_ATOMS: atom_id res chain seq x y z
N ALA A 1 32.69 4.57 -10.80
CA ALA A 1 31.77 5.33 -11.72
C ALA A 1 30.64 4.42 -12.19
N SER A 2 29.47 5.01 -12.43
CA SER A 2 28.31 4.24 -12.90
C SER A 2 28.44 3.97 -14.39
N SER A 3 27.92 2.81 -14.81
CA SER A 3 27.96 2.44 -16.22
C SER A 3 27.21 3.45 -17.08
N PRO A 4 27.45 3.44 -18.40
CA PRO A 4 26.77 4.38 -19.30
C PRO A 4 25.28 4.09 -19.43
N ALA A 5 24.49 5.13 -19.65
CA ALA A 5 23.06 4.95 -19.79
C ALA A 5 22.57 5.48 -21.13
N ASN A 6 21.49 4.88 -21.64
CA ASN A 6 20.90 5.27 -22.91
C ASN A 6 20.49 6.74 -22.79
N LYS A 7 21.10 7.60 -23.59
CA LYS A 7 20.85 9.05 -23.57
C LYS A 7 19.39 9.46 -23.80
N VAL A 8 18.73 8.78 -24.73
CA VAL A 8 17.34 9.11 -25.04
C VAL A 8 16.42 8.99 -23.81
N TYR A 9 16.44 7.84 -23.16
CA TYR A 9 15.58 7.61 -22.01
C TYR A 9 16.03 8.31 -20.73
N GLN A 10 17.32 8.61 -20.62
CA GLN A 10 17.81 9.33 -19.46
C GLN A 10 17.17 10.72 -19.55
N ASP A 11 17.20 11.30 -20.76
CA ASP A 11 16.63 12.63 -20.98
C ASP A 11 15.15 12.65 -20.66
N ARG A 12 14.46 11.56 -21.00
CA ARG A 12 13.04 11.48 -20.72
C ARG A 12 12.82 11.41 -19.21
N PHE A 13 13.70 10.72 -18.49
CA PHE A 13 13.55 10.67 -17.04
C PHE A 13 13.76 12.08 -16.48
N GLU A 14 14.86 12.71 -16.90
CA GLU A 14 15.19 14.05 -16.45
C GLU A 14 14.08 15.08 -16.72
N SER A 15 13.38 14.93 -17.84
CA SER A 15 12.29 15.84 -18.20
C SER A 15 11.12 15.63 -17.23
N MET A 16 10.78 14.37 -16.98
CA MET A 16 9.70 14.04 -16.06
C MET A 16 10.06 14.53 -14.66
N TYR A 17 11.31 14.32 -14.26
CA TYR A 17 11.75 14.76 -12.94
C TYR A 17 11.52 16.27 -12.77
N SER A 18 11.82 17.03 -13.83
CA SER A 18 11.64 18.48 -13.78
C SER A 18 10.19 18.87 -13.69
N LYS A 19 9.33 18.15 -14.41
CA LYS A 19 7.91 18.45 -14.38
C LYS A 19 7.33 18.10 -13.01
N ILE A 20 7.79 17.00 -12.42
CA ILE A 20 7.28 16.61 -11.11
C ILE A 20 7.70 17.57 -10.00
N LYS A 21 8.95 18.05 -10.05
CA LYS A 21 9.46 18.96 -9.03
C LYS A 21 9.14 20.44 -9.29
N ASP A 22 8.65 20.75 -10.49
CA ASP A 22 8.32 22.12 -10.87
C ASP A 22 7.23 22.72 -9.96
N PRO A 23 7.58 23.75 -9.18
CA PRO A 23 6.66 24.43 -8.25
C PRO A 23 5.36 24.89 -8.91
N ALA A 24 5.43 25.23 -10.19
CA ALA A 24 4.27 25.68 -10.93
C ALA A 24 3.28 24.56 -11.22
N ASN A 25 3.75 23.32 -11.19
CA ASN A 25 2.86 22.18 -11.46
C ASN A 25 2.04 21.74 -10.24
N GLY A 26 2.50 22.10 -9.04
CA GLY A 26 1.78 21.77 -7.83
C GLY A 26 1.65 20.34 -7.32
N TYR A 27 2.66 19.52 -7.53
CA TYR A 27 2.63 18.13 -7.05
C TYR A 27 2.91 18.08 -5.55
N PHE A 28 3.56 19.11 -5.03
CA PHE A 28 3.92 19.16 -3.61
C PHE A 28 3.24 20.29 -2.83
N SER A 29 3.05 20.06 -1.54
CA SER A 29 2.45 21.07 -0.67
C SER A 29 3.56 22.04 -0.33
N GLU A 30 3.23 23.10 0.41
CA GLU A 30 4.25 24.08 0.78
C GLU A 30 5.28 23.49 1.74
N GLN A 31 4.92 22.42 2.45
CA GLN A 31 5.84 21.78 3.38
C GLN A 31 6.74 20.74 2.70
N GLY A 32 6.59 20.59 1.38
CA GLY A 32 7.41 19.64 0.64
C GLY A 32 6.88 18.23 0.57
N ILE A 33 5.60 18.05 0.91
CA ILE A 33 4.98 16.73 0.90
C ILE A 33 4.25 16.52 -0.43
N PRO A 34 4.48 15.37 -1.09
CA PRO A 34 3.77 15.15 -2.36
C PRO A 34 2.31 14.77 -2.14
N TYR A 35 1.44 15.30 -2.99
CA TYR A 35 0.01 15.00 -2.90
C TYR A 35 -0.28 13.70 -3.67
N HIS A 36 -1.42 13.07 -3.39
CA HIS A 36 -1.80 11.86 -4.09
C HIS A 36 -1.94 12.22 -5.58
N SER A 37 -2.51 13.38 -5.83
CA SER A 37 -2.69 13.86 -7.19
C SER A 37 -2.83 15.37 -7.18
N ILE A 38 -2.48 15.99 -8.30
CA ILE A 38 -2.57 17.44 -8.41
C ILE A 38 -4.04 17.84 -8.22
N GLU A 39 -4.92 17.15 -8.95
CA GLU A 39 -6.35 17.41 -8.88
C GLU A 39 -6.94 17.02 -7.53
N THR A 40 -7.78 17.91 -6.99
CA THR A 40 -8.40 17.68 -5.70
C THR A 40 -9.67 16.81 -5.70
N LEU A 41 -10.50 16.92 -6.74
CA LEU A 41 -11.71 16.11 -6.83
C LEU A 41 -11.25 14.69 -7.12
N MET A 42 -10.88 13.96 -6.08
CA MET A 42 -10.32 12.63 -6.23
C MET A 42 -10.75 11.61 -5.18
N VAL A 43 -11.38 10.52 -5.62
CA VAL A 43 -11.83 9.44 -4.73
C VAL A 43 -11.55 8.09 -5.41
N GLU A 44 -10.78 7.22 -4.75
CA GLU A 44 -10.47 5.90 -5.29
C GLU A 44 -9.84 4.93 -4.27
N ALA A 45 -9.04 5.48 -3.36
CA ALA A 45 -8.40 4.74 -2.26
C ALA A 45 -8.47 5.89 -1.24
N PRO A 46 -7.70 6.97 -1.46
CA PRO A 46 -7.87 8.03 -0.47
C PRO A 46 -9.15 8.70 -1.01
N ASP A 47 -9.79 9.60 -0.25
CA ASP A 47 -11.02 10.22 -0.77
C ASP A 47 -10.92 11.73 -1.02
N TYR A 48 -9.69 12.23 -1.12
CA TYR A 48 -9.41 13.64 -1.40
C TYR A 48 -8.03 13.66 -2.06
N GLY A 49 -7.90 14.44 -3.12
CA GLY A 49 -6.65 14.51 -3.84
C GLY A 49 -5.45 15.04 -3.10
N HIS A 50 -5.65 15.99 -2.18
CA HIS A 50 -4.52 16.53 -1.47
C HIS A 50 -4.17 15.95 -0.12
N VAL A 51 -4.45 14.67 0.06
CA VAL A 51 -4.02 13.99 1.27
C VAL A 51 -2.78 13.33 0.68
N THR A 52 -1.90 12.80 1.51
CA THR A 52 -0.75 12.10 0.96
C THR A 52 -0.83 10.70 1.54
N THR A 53 -0.05 9.78 0.99
CA THR A 53 -0.06 8.41 1.47
C THR A 53 1.39 7.93 1.64
N SER A 54 1.58 6.86 2.40
CA SER A 54 2.93 6.33 2.57
C SER A 54 3.33 5.79 1.19
N GLN A 55 2.34 5.46 0.38
CA GLN A 55 2.60 4.96 -0.97
C GLN A 55 3.27 6.07 -1.79
N ALA A 56 2.77 7.29 -1.65
CA ALA A 56 3.31 8.43 -2.39
C ALA A 56 4.73 8.72 -1.93
N MET A 57 4.95 8.69 -0.62
CA MET A 57 6.27 8.95 -0.07
C MET A 57 7.29 7.94 -0.57
N SER A 58 6.91 6.67 -0.64
CA SER A 58 7.85 5.65 -1.10
C SER A 58 8.17 5.83 -2.58
N TYR A 59 7.23 6.37 -3.35
CA TYR A 59 7.48 6.61 -4.78
C TYR A 59 8.36 7.84 -4.94
N TYR A 60 8.25 8.74 -3.97
CA TYR A 60 9.03 9.98 -3.96
C TYR A 60 10.49 9.58 -3.68
N MET A 61 10.69 8.56 -2.86
CA MET A 61 12.04 8.09 -2.54
C MET A 61 12.68 7.45 -3.75
N TRP A 62 11.89 6.66 -4.47
CA TRP A 62 12.34 5.95 -5.66
C TRP A 62 12.73 6.96 -6.74
N LEU A 63 11.91 8.00 -6.89
CA LEU A 63 12.16 9.03 -7.88
C LEU A 63 13.48 9.73 -7.61
N GLU A 64 13.65 10.22 -6.38
CA GLU A 64 14.88 10.92 -6.02
C GLU A 64 16.14 10.06 -6.12
N ALA A 65 16.02 8.77 -5.81
CA ALA A 65 17.17 7.86 -5.89
C ALA A 65 17.64 7.78 -7.34
N MET A 66 16.67 7.68 -8.25
CA MET A 66 16.93 7.60 -9.68
C MET A 66 17.57 8.90 -10.13
N HIS A 67 17.09 10.01 -9.57
CA HIS A 67 17.64 11.32 -9.92
C HIS A 67 19.10 11.36 -9.46
N GLY A 68 19.35 10.83 -8.27
CA GLY A 68 20.71 10.80 -7.76
C GLY A 68 21.61 10.01 -8.71
N ARG A 69 21.07 8.93 -9.27
CA ARG A 69 21.82 8.09 -10.20
C ARG A 69 22.33 8.84 -11.43
N PHE A 70 21.50 9.74 -11.97
CA PHE A 70 21.89 10.48 -13.16
C PHE A 70 22.54 11.84 -12.93
N SER A 71 22.26 12.48 -11.80
CA SER A 71 22.85 13.79 -11.55
C SER A 71 24.02 13.75 -10.57
N GLY A 72 24.12 12.67 -9.80
CA GLY A 72 25.20 12.57 -8.84
C GLY A 72 24.85 13.31 -7.55
N ASP A 73 23.67 13.94 -7.51
CA ASP A 73 23.23 14.67 -6.33
C ASP A 73 22.17 13.86 -5.57
N PHE A 74 22.49 13.48 -4.34
CA PHE A 74 21.56 12.68 -3.55
C PHE A 74 20.89 13.43 -2.40
N THR A 75 21.07 14.73 -2.33
CA THR A 75 20.47 15.53 -1.26
C THR A 75 18.94 15.45 -1.32
N GLY A 76 18.41 15.24 -2.52
CA GLY A 76 16.97 15.14 -2.68
C GLY A 76 16.45 13.84 -2.09
N PHE A 77 17.23 12.77 -2.24
CA PHE A 77 16.84 11.47 -1.68
C PHE A 77 16.86 11.59 -0.16
N ASP A 78 17.92 12.18 0.39
CA ASP A 78 18.00 12.35 1.83
C ASP A 78 16.85 13.23 2.31
N LYS A 79 16.43 14.18 1.48
CA LYS A 79 15.33 15.04 1.88
C LYS A 79 13.99 14.29 1.90
N SER A 80 13.82 13.34 0.98
CA SER A 80 12.57 12.59 0.97
C SER A 80 12.48 11.80 2.27
N TRP A 81 13.60 11.32 2.78
CA TRP A 81 13.60 10.59 4.05
C TRP A 81 13.32 11.51 5.23
N SER A 82 13.86 12.73 5.17
CA SER A 82 13.64 13.69 6.24
C SER A 82 12.17 14.08 6.35
N VAL A 83 11.52 14.25 5.20
CA VAL A 83 10.11 14.63 5.20
C VAL A 83 9.26 13.46 5.71
N THR A 84 9.64 12.24 5.31
CA THR A 84 8.93 11.05 5.74
C THR A 84 8.93 10.96 7.27
N GLU A 85 10.11 11.02 7.86
CA GLU A 85 10.27 10.90 9.31
C GLU A 85 9.59 12.02 10.10
N GLN A 86 9.63 13.22 9.56
CA GLN A 86 9.02 14.34 10.25
C GLN A 86 7.50 14.35 10.18
N TYR A 87 6.94 13.91 9.05
CA TYR A 87 5.49 13.95 8.86
C TYR A 87 4.66 12.66 8.78
N LEU A 88 5.25 11.53 8.40
CA LEU A 88 4.48 10.28 8.29
C LEU A 88 4.77 9.22 9.34
N ILE A 89 5.89 9.35 10.05
CA ILE A 89 6.22 8.40 11.10
C ILE A 89 5.89 9.17 12.37
N PRO A 90 4.85 8.73 13.09
CA PRO A 90 4.44 9.41 14.33
C PRO A 90 5.62 9.69 15.26
N THR A 91 5.76 10.95 15.64
CA THR A 91 6.85 11.36 16.53
C THR A 91 6.53 10.99 17.98
N GLU A 92 7.45 11.36 18.87
CA GLU A 92 7.32 11.12 20.29
C GLU A 92 6.03 11.76 20.85
N LYS A 93 5.61 12.86 20.24
CA LYS A 93 4.39 13.55 20.69
C LYS A 93 3.14 12.84 20.18
N ASP A 94 3.25 12.16 19.05
CA ASP A 94 2.12 11.48 18.43
C ASP A 94 1.84 10.07 18.97
N GLN A 95 2.87 9.42 19.47
CA GLN A 95 2.73 8.10 20.05
C GLN A 95 3.58 8.08 21.32
N PRO A 96 3.17 8.87 22.33
CA PRO A 96 3.89 8.95 23.61
C PRO A 96 4.41 7.64 24.17
N ASN A 97 5.70 7.60 24.43
CA ASN A 97 6.35 6.41 24.95
C ASN A 97 5.76 6.05 26.32
N THR A 98 5.20 7.03 27.02
CA THR A 98 4.60 6.75 28.32
C THR A 98 3.49 5.72 28.15
N SER A 99 2.75 5.80 27.04
CA SER A 99 1.69 4.82 26.81
C SER A 99 2.23 3.57 26.12
N MET A 100 3.12 3.76 25.15
CA MET A 100 3.70 2.64 24.42
C MET A 100 4.53 1.72 25.32
N SER A 101 5.23 2.29 26.29
CA SER A 101 6.05 1.48 27.21
C SER A 101 5.20 0.62 28.15
N ARG A 102 3.88 0.83 28.15
CA ARG A 102 3.01 0.03 29.02
C ARG A 102 2.45 -1.16 28.23
N TYR A 103 2.94 -1.32 27.01
CA TYR A 103 2.51 -2.41 26.14
C TYR A 103 2.86 -3.75 26.80
N ASP A 104 1.95 -4.72 26.71
CA ASP A 104 2.16 -6.04 27.30
C ASP A 104 2.30 -7.08 26.19
N ALA A 105 3.51 -7.56 25.97
CA ALA A 105 3.78 -8.53 24.91
C ALA A 105 3.03 -9.85 25.05
N ASN A 106 2.58 -10.18 26.26
CA ASN A 106 1.84 -11.42 26.46
C ASN A 106 0.34 -11.23 26.20
N LYS A 107 -0.09 -9.99 26.04
CA LYS A 107 -1.48 -9.64 25.75
C LYS A 107 -1.47 -8.40 24.86
N PRO A 108 -1.00 -8.57 23.61
CA PRO A 108 -0.90 -7.49 22.61
C PRO A 108 -2.12 -6.61 22.40
N ALA A 109 -3.30 -7.24 22.32
CA ALA A 109 -4.53 -6.50 22.10
C ALA A 109 -5.74 -7.30 22.56
N THR A 110 -6.91 -6.69 22.44
CA THR A 110 -8.15 -7.36 22.82
C THR A 110 -8.91 -7.72 21.55
N TYR A 111 -9.32 -8.98 21.46
CA TYR A 111 -10.05 -9.48 20.31
C TYR A 111 -11.38 -8.77 20.07
N ALA A 112 -11.71 -8.61 18.80
CA ALA A 112 -12.96 -8.02 18.35
C ALA A 112 -13.19 -8.64 16.98
N PRO A 113 -14.43 -9.04 16.68
CA PRO A 113 -14.72 -9.64 15.38
C PRO A 113 -14.83 -8.65 14.22
N GLU A 114 -14.70 -9.16 13.01
CA GLU A 114 -14.82 -8.37 11.79
C GLU A 114 -16.15 -8.80 11.19
N PHE A 115 -16.86 -7.86 10.56
CA PHE A 115 -18.16 -8.15 9.96
C PHE A 115 -18.16 -7.86 8.46
N GLN A 116 -19.00 -8.58 7.72
CA GLN A 116 -19.09 -8.42 6.28
C GLN A 116 -19.99 -7.27 5.81
N ASP A 117 -20.46 -6.45 6.75
CA ASP A 117 -21.29 -5.31 6.40
C ASP A 117 -21.07 -4.18 7.40
N PRO A 118 -20.86 -2.96 6.90
CA PRO A 118 -20.62 -1.83 7.81
C PRO A 118 -21.71 -1.60 8.86
N SER A 119 -22.95 -2.00 8.58
CA SER A 119 -24.03 -1.79 9.54
C SER A 119 -23.93 -2.63 10.81
N LYS A 120 -23.00 -3.58 10.82
CA LYS A 120 -22.80 -4.42 12.00
C LYS A 120 -21.85 -3.78 13.00
N TYR A 121 -21.24 -2.66 12.62
CA TYR A 121 -20.31 -1.98 13.53
C TYR A 121 -21.10 -0.96 14.33
N PRO A 122 -20.58 -0.56 15.51
CA PRO A 122 -19.34 -0.99 16.19
C PRO A 122 -19.19 -2.46 16.54
N SER A 123 -17.96 -2.94 16.46
CA SER A 123 -17.63 -4.34 16.78
C SER A 123 -17.35 -4.43 18.28
N PRO A 124 -17.93 -5.43 18.97
CA PRO A 124 -17.69 -5.53 20.41
C PRO A 124 -16.39 -6.23 20.81
N LEU A 125 -15.62 -5.59 21.68
CA LEU A 125 -14.38 -6.15 22.20
C LEU A 125 -14.76 -7.29 23.15
N ASP A 126 -14.01 -8.38 23.10
CA ASP A 126 -14.29 -9.53 23.95
C ASP A 126 -12.99 -10.00 24.60
N THR A 127 -12.80 -9.64 25.87
CA THR A 127 -11.59 -10.03 26.59
C THR A 127 -11.43 -11.53 26.82
N SER A 128 -12.49 -12.31 26.63
CA SER A 128 -12.38 -13.76 26.86
C SER A 128 -11.78 -14.53 25.68
N GLN A 129 -11.83 -13.95 24.50
CA GLN A 129 -11.26 -14.63 23.34
C GLN A 129 -9.74 -14.62 23.45
N PRO A 130 -9.09 -15.74 23.07
CA PRO A 130 -7.63 -15.79 23.17
C PRO A 130 -6.85 -14.88 22.21
N VAL A 131 -5.68 -14.46 22.68
CA VAL A 131 -4.77 -13.62 21.91
C VAL A 131 -3.38 -14.19 22.19
N GLY A 132 -2.59 -14.39 21.13
CA GLY A 132 -1.26 -14.95 21.30
C GLY A 132 -0.22 -13.99 21.85
N ARG A 133 1.03 -14.45 21.91
CA ARG A 133 2.13 -13.63 22.44
C ARG A 133 2.94 -12.98 21.31
N ASP A 134 3.43 -11.78 21.56
CA ASP A 134 4.24 -11.03 20.60
C ASP A 134 5.70 -11.35 20.89
N PRO A 135 6.38 -12.10 19.99
CA PRO A 135 7.78 -12.47 20.18
C PRO A 135 8.84 -11.47 19.73
N ILE A 136 8.46 -10.43 19.00
CA ILE A 136 9.48 -9.50 18.53
C ILE A 136 9.61 -8.19 19.28
N ASN A 137 8.62 -7.83 20.08
CA ASN A 137 8.71 -6.57 20.81
C ASN A 137 9.96 -6.44 21.66
N SER A 138 10.34 -7.50 22.37
CA SER A 138 11.53 -7.44 23.22
C SER A 138 12.77 -7.18 22.37
N GLN A 139 12.81 -7.74 21.17
CA GLN A 139 13.95 -7.55 20.28
C GLN A 139 14.08 -6.09 19.86
N LEU A 140 12.94 -5.45 19.56
CA LEU A 140 12.91 -4.06 19.11
C LEU A 140 13.20 -3.02 20.19
N THR A 141 12.60 -3.18 21.37
CA THR A 141 12.86 -2.22 22.44
C THR A 141 14.33 -2.30 22.85
N SER A 142 14.87 -3.51 22.86
CA SER A 142 16.26 -3.73 23.24
C SER A 142 17.22 -3.10 22.22
N ALA A 143 16.91 -3.25 20.94
CA ALA A 143 17.76 -2.71 19.89
C ALA A 143 17.68 -1.18 19.75
N TYR A 144 16.48 -0.63 19.85
CA TYR A 144 16.29 0.79 19.66
C TYR A 144 16.09 1.67 20.90
N GLY A 145 15.91 1.04 22.07
CA GLY A 145 15.75 1.80 23.29
C GLY A 145 14.50 2.63 23.43
N THR A 146 13.39 2.14 22.89
CA THR A 146 12.11 2.83 22.95
C THR A 146 10.99 1.85 22.62
N SER A 147 9.77 2.18 23.03
CA SER A 147 8.61 1.34 22.75
C SER A 147 7.82 1.86 21.56
N MET A 148 8.17 3.03 21.05
CA MET A 148 7.49 3.61 19.90
C MET A 148 7.82 2.78 18.67
N LEU A 149 6.93 2.78 17.69
CA LEU A 149 7.17 2.02 16.47
C LEU A 149 7.66 2.92 15.34
N TYR A 150 8.56 2.40 14.52
CA TYR A 150 9.10 3.17 13.42
C TYR A 150 8.58 2.62 12.09
N GLY A 151 7.39 3.10 11.70
CA GLY A 151 6.77 2.70 10.45
C GLY A 151 5.91 3.85 10.00
N MET A 152 5.57 3.91 8.72
CA MET A 152 4.74 5.00 8.23
C MET A 152 3.23 4.80 8.42
N HIS A 153 2.54 5.81 8.93
CA HIS A 153 1.08 5.73 9.03
C HIS A 153 0.74 5.90 7.55
N TRP A 154 -0.30 5.23 7.07
CA TRP A 154 -0.61 5.26 5.64
C TRP A 154 -1.23 6.47 4.97
N ILE A 155 -1.91 7.32 5.73
CA ILE A 155 -2.53 8.48 5.08
C ILE A 155 -2.43 9.75 5.92
N LEU A 156 -2.28 10.87 5.24
CA LEU A 156 -2.11 12.15 5.93
C LEU A 156 -2.89 13.28 5.25
N ASP A 157 -3.63 14.06 6.03
CA ASP A 157 -4.40 15.19 5.48
C ASP A 157 -3.42 16.36 5.50
N VAL A 158 -2.61 16.46 4.44
CA VAL A 158 -1.56 17.45 4.29
C VAL A 158 -1.90 18.91 4.58
N ASP A 159 -3.00 19.40 4.02
CA ASP A 159 -3.36 20.79 4.28
C ASP A 159 -4.52 20.98 5.25
N ASN A 160 -4.78 19.96 6.06
CA ASN A 160 -5.86 20.01 7.05
C ASN A 160 -7.21 20.38 6.44
N TRP A 161 -7.54 19.74 5.33
CA TRP A 161 -8.80 19.97 4.63
C TRP A 161 -9.98 19.54 5.49
N TYR A 162 -9.83 18.42 6.20
CA TYR A 162 -10.89 17.91 7.06
C TYR A 162 -11.08 18.72 8.34
N GLY A 163 -10.05 19.44 8.76
CA GLY A 163 -10.14 20.28 9.95
C GLY A 163 -9.77 19.73 11.31
N PHE A 164 -9.31 18.48 11.39
CA PHE A 164 -8.93 17.90 12.68
C PHE A 164 -7.64 18.51 13.27
N GLY A 165 -6.80 19.07 12.41
CA GLY A 165 -5.57 19.67 12.86
C GLY A 165 -4.61 18.64 13.42
N ALA A 166 -3.65 19.09 14.23
CA ALA A 166 -2.67 18.18 14.81
C ALA A 166 -2.96 17.96 16.29
N ARG A 167 -3.10 16.70 16.68
CA ARG A 167 -3.40 16.33 18.06
C ARG A 167 -4.57 17.15 18.60
N ALA A 168 -5.63 17.18 17.79
CA ALA A 168 -6.88 17.85 18.11
C ALA A 168 -6.88 19.37 18.22
N ASP A 169 -5.88 20.07 17.67
CA ASP A 169 -5.91 21.52 17.76
C ASP A 169 -6.74 22.16 16.65
N GLY A 170 -7.19 21.32 15.73
CA GLY A 170 -8.02 21.78 14.62
C GLY A 170 -7.42 22.77 13.62
N THR A 171 -6.25 23.30 13.90
CA THR A 171 -5.66 24.29 13.00
C THR A 171 -4.31 23.96 12.36
N SER A 172 -3.51 23.09 12.98
CA SER A 172 -2.21 22.75 12.42
C SER A 172 -2.27 21.80 11.24
N LYS A 173 -1.20 21.77 10.47
CA LYS A 173 -1.08 20.89 9.31
C LYS A 173 0.37 20.39 9.30
N PRO A 174 0.60 19.16 8.82
CA PRO A 174 -0.42 18.24 8.31
C PRO A 174 -1.22 17.62 9.44
N SER A 175 -2.23 16.83 9.10
CA SER A 175 -3.10 16.22 10.10
C SER A 175 -3.22 14.70 9.90
N TYR A 176 -2.90 13.93 10.94
CA TYR A 176 -3.00 12.47 10.88
C TYR A 176 -4.47 12.06 10.94
N ILE A 177 -4.92 11.33 9.92
CA ILE A 177 -6.29 10.84 9.85
C ILE A 177 -6.31 9.39 9.38
N ASN A 178 -7.48 8.76 9.50
CA ASN A 178 -7.68 7.41 8.99
C ASN A 178 -9.11 7.37 8.47
N THR A 179 -9.41 6.39 7.64
CA THR A 179 -10.75 6.27 7.08
C THR A 179 -11.31 4.87 7.29
N PHE A 180 -10.82 3.89 6.53
CA PHE A 180 -11.30 2.53 6.64
C PHE A 180 -11.27 2.00 8.09
N GLN A 181 -12.40 1.42 8.51
CA GLN A 181 -12.55 0.86 9.85
C GLN A 181 -13.57 -0.28 9.90
N ARG A 182 -14.49 -0.32 8.95
CA ARG A 182 -15.56 -1.32 9.02
C ARG A 182 -15.69 -2.50 8.05
N GLY A 183 -14.60 -3.25 7.86
CA GLY A 183 -14.67 -4.44 7.02
C GLY A 183 -14.61 -4.37 5.50
N GLU A 184 -14.72 -5.56 4.90
CA GLU A 184 -14.65 -5.77 3.46
C GLU A 184 -15.67 -5.07 2.57
N GLN A 185 -16.82 -4.73 3.12
CA GLN A 185 -17.83 -4.06 2.31
C GLN A 185 -17.82 -2.55 2.51
N GLU A 186 -16.86 -2.04 3.28
CA GLU A 186 -16.77 -0.60 3.47
C GLU A 186 -15.83 -0.02 2.44
N SER A 187 -16.39 0.42 1.31
CA SER A 187 -15.58 1.00 0.25
C SER A 187 -15.10 2.38 0.68
N THR A 188 -14.29 3.00 -0.17
CA THR A 188 -13.77 4.32 0.11
C THR A 188 -14.92 5.33 0.19
N TRP A 189 -16.06 4.97 -0.39
CA TRP A 189 -17.25 5.84 -0.38
C TRP A 189 -18.13 5.67 0.85
N GLU A 190 -17.86 4.66 1.67
CA GLU A 190 -18.70 4.38 2.83
C GLU A 190 -18.08 4.62 4.20
N THR A 191 -16.96 5.34 4.23
CA THR A 191 -16.26 5.61 5.48
C THR A 191 -16.67 6.93 6.14
N ILE A 192 -16.15 7.12 7.35
CA ILE A 192 -16.38 8.34 8.11
C ILE A 192 -14.96 8.74 8.53
N PRO A 193 -14.35 9.68 7.81
CA PRO A 193 -12.99 10.11 8.14
C PRO A 193 -12.89 10.49 9.61
N GLN A 194 -11.82 10.02 10.26
CA GLN A 194 -11.64 10.30 11.67
C GLN A 194 -10.18 10.62 11.99
N PRO A 195 -9.95 11.34 13.09
CA PRO A 195 -8.56 11.67 13.43
C PRO A 195 -7.84 10.50 14.12
N CYS A 196 -6.53 10.40 13.92
CA CYS A 196 -5.75 9.34 14.55
C CYS A 196 -5.65 9.64 16.04
N TRP A 197 -5.54 10.93 16.36
CA TRP A 197 -5.45 11.37 17.74
C TRP A 197 -6.86 11.83 18.13
N ASP A 198 -7.56 11.00 18.91
CA ASP A 198 -8.93 11.31 19.29
C ASP A 198 -9.11 11.72 20.74
N GLU A 199 -9.26 13.03 20.97
CA GLU A 199 -9.47 13.55 22.31
C GLU A 199 -10.94 13.89 22.52
N HIS A 200 -11.82 13.36 21.68
CA HIS A 200 -13.26 13.58 21.83
C HIS A 200 -13.65 14.99 21.50
N LYS A 201 -12.76 15.75 20.88
CA LYS A 201 -13.07 17.15 20.56
C LYS A 201 -13.97 17.29 19.33
N PHE A 202 -13.89 16.35 18.40
CA PHE A 202 -14.69 16.40 17.19
C PHE A 202 -15.52 15.14 17.11
N GLY A 203 -16.56 15.16 16.28
CA GLY A 203 -17.41 14.00 16.13
C GLY A 203 -18.53 13.93 17.16
N GLY A 204 -18.63 12.79 17.82
CA GLY A 204 -19.66 12.59 18.82
C GLY A 204 -19.21 12.88 20.24
N GLN A 205 -20.00 12.41 21.19
CA GLN A 205 -19.70 12.59 22.61
C GLN A 205 -18.35 12.00 22.98
N TYR A 206 -17.98 10.90 22.32
CA TYR A 206 -16.70 10.24 22.56
C TYR A 206 -15.90 10.23 21.26
N GLY A 207 -15.87 11.37 20.58
CA GLY A 207 -15.16 11.46 19.32
C GLY A 207 -15.80 10.55 18.29
N PHE A 208 -14.97 9.76 17.61
CA PHE A 208 -15.48 8.84 16.58
C PHE A 208 -15.32 7.39 16.99
N LEU A 209 -14.73 7.19 18.16
CA LEU A 209 -14.45 5.86 18.70
C LEU A 209 -15.58 4.83 18.75
N ASP A 210 -16.73 5.20 19.29
CA ASP A 210 -17.83 4.25 19.38
C ASP A 210 -18.61 3.98 18.09
N LEU A 211 -18.09 4.47 16.97
CA LEU A 211 -18.73 4.20 15.70
C LEU A 211 -18.14 2.88 15.23
N PHE A 212 -16.93 2.58 15.72
CA PHE A 212 -16.20 1.40 15.27
C PHE A 212 -15.94 0.26 16.24
N THR A 213 -15.71 0.61 17.51
CA THR A 213 -15.45 -0.39 18.53
C THR A 213 -16.34 -0.13 19.74
N LYS A 214 -16.85 -1.20 20.34
CA LYS A 214 -17.70 -1.07 21.50
C LYS A 214 -17.06 -1.81 22.67
N ASP A 215 -16.83 -1.09 23.76
CA ASP A 215 -16.24 -1.66 24.96
C ASP A 215 -17.27 -1.63 26.07
N THR A 216 -16.90 -2.14 27.25
CA THR A 216 -17.79 -2.18 28.40
C THR A 216 -18.04 -0.81 29.00
N GLY A 217 -16.96 -0.06 29.23
CA GLY A 217 -17.10 1.26 29.80
C GLY A 217 -17.03 2.42 28.83
N THR A 218 -16.68 3.58 29.36
CA THR A 218 -16.57 4.80 28.58
C THR A 218 -15.32 4.76 27.71
N PRO A 219 -15.43 5.16 26.43
CA PRO A 219 -14.27 5.15 25.53
C PRO A 219 -13.24 6.13 26.07
N ALA A 220 -11.98 5.73 26.07
CA ALA A 220 -10.94 6.62 26.56
C ALA A 220 -10.37 7.43 25.41
N LYS A 221 -9.76 8.56 25.73
CA LYS A 221 -9.12 9.38 24.70
C LYS A 221 -7.95 8.51 24.25
N GLN A 222 -7.75 8.40 22.94
CA GLN A 222 -6.68 7.54 22.44
C GLN A 222 -6.18 7.86 21.04
N PHE A 223 -5.01 7.32 20.74
CA PHE A 223 -4.40 7.49 19.43
C PHE A 223 -4.26 6.10 18.80
N LYS A 224 -4.08 6.05 17.49
CA LYS A 224 -3.90 4.80 16.80
C LYS A 224 -3.45 5.09 15.38
N TYR A 225 -2.59 4.22 14.85
CA TYR A 225 -2.06 4.40 13.50
C TYR A 225 -2.08 3.08 12.75
N THR A 226 -2.09 3.15 11.43
CA THR A 226 -2.10 1.95 10.61
C THR A 226 -1.07 2.01 9.50
N ASN A 227 -0.27 0.96 9.42
CA ASN A 227 0.79 0.86 8.43
C ASN A 227 0.28 0.20 7.14
N ALA A 228 0.89 0.58 6.02
CA ALA A 228 0.58 -0.02 4.73
C ALA A 228 1.90 -0.69 4.39
N PRO A 229 2.07 -1.96 4.76
CA PRO A 229 3.29 -2.74 4.53
C PRO A 229 3.98 -2.64 3.17
N ASP A 230 3.21 -2.63 2.09
CA ASP A 230 3.84 -2.56 0.77
C ASP A 230 4.58 -1.24 0.52
N ALA A 231 4.14 -0.18 1.20
CA ALA A 231 4.78 1.14 1.06
C ALA A 231 6.13 1.15 1.78
N ASP A 232 6.15 0.64 3.01
CA ASP A 232 7.38 0.58 3.79
C ASP A 232 8.40 -0.35 3.12
N ALA A 233 7.93 -1.43 2.51
CA ALA A 233 8.84 -2.34 1.81
C ALA A 233 9.40 -1.65 0.57
N ARG A 234 8.58 -0.84 -0.09
CA ARG A 234 9.05 -0.13 -1.28
C ARG A 234 10.13 0.89 -0.86
N ALA A 235 9.98 1.45 0.33
CA ALA A 235 10.95 2.42 0.85
C ALA A 235 12.31 1.74 1.03
N VAL A 236 12.30 0.47 1.44
CA VAL A 236 13.52 -0.27 1.63
C VAL A 236 14.11 -0.56 0.25
N GLN A 237 13.25 -0.98 -0.67
CA GLN A 237 13.65 -1.29 -2.04
C GLN A 237 14.31 -0.07 -2.70
N ALA A 238 13.69 1.09 -2.55
CA ALA A 238 14.22 2.31 -3.13
C ALA A 238 15.54 2.73 -2.49
N THR A 239 15.64 2.58 -1.18
CA THR A 239 16.86 2.98 -0.47
C THR A 239 18.05 2.09 -0.85
N TYR A 240 17.78 0.83 -1.17
CA TYR A 240 18.84 -0.09 -1.58
C TYR A 240 19.48 0.41 -2.86
N TRP A 241 18.64 0.79 -3.83
CA TRP A 241 19.17 1.28 -5.10
C TRP A 241 19.91 2.60 -4.93
N ALA A 242 19.38 3.48 -4.07
CA ALA A 242 20.04 4.76 -3.82
C ALA A 242 21.44 4.50 -3.27
N ASP A 243 21.54 3.51 -2.38
CA ASP A 243 22.81 3.15 -1.77
C ASP A 243 23.76 2.64 -2.84
N GLN A 244 23.27 1.72 -3.66
CA GLN A 244 24.07 1.14 -4.75
C GLN A 244 24.55 2.21 -5.72
N TRP A 245 23.62 3.05 -6.17
CA TRP A 245 23.97 4.11 -7.10
C TRP A 245 24.90 5.16 -6.50
N ALA A 246 24.73 5.46 -5.22
CA ALA A 246 25.57 6.44 -4.55
C ALA A 246 27.02 5.93 -4.47
N LYS A 247 27.18 4.66 -4.14
CA LYS A 247 28.52 4.08 -4.01
C LYS A 247 29.26 3.99 -5.34
N GLU A 248 28.54 3.81 -6.45
CA GLU A 248 29.20 3.73 -7.74
C GLU A 248 29.79 5.09 -8.09
N GLN A 249 29.37 6.11 -7.37
CA GLN A 249 29.84 7.48 -7.61
C GLN A 249 30.60 8.07 -6.44
N GLY A 250 31.01 7.23 -5.51
CA GLY A 250 31.76 7.73 -4.36
C GLY A 250 30.95 8.60 -3.42
N LYS A 251 29.63 8.54 -3.53
CA LYS A 251 28.76 9.32 -2.66
C LYS A 251 28.20 8.39 -1.57
N SER A 252 27.50 8.97 -0.61
CA SER A 252 26.95 8.18 0.49
C SER A 252 25.59 8.67 0.97
N VAL A 253 24.71 7.72 1.29
CA VAL A 253 23.37 8.03 1.83
C VAL A 253 23.22 7.15 3.06
N SER A 254 24.32 7.06 3.81
CA SER A 254 24.40 6.27 5.03
C SER A 254 23.25 6.50 6.00
N THR A 255 22.96 7.76 6.29
CA THR A 255 21.89 8.10 7.20
C THR A 255 20.55 7.52 6.77
N SER A 256 20.26 7.62 5.48
CA SER A 256 18.99 7.09 4.97
C SER A 256 18.96 5.57 5.04
N VAL A 257 20.11 4.93 4.78
CA VAL A 257 20.17 3.47 4.85
C VAL A 257 19.80 3.02 6.26
N GLY A 258 20.21 3.78 7.27
CA GLY A 258 19.89 3.44 8.64
C GLY A 258 18.41 3.52 8.94
N LYS A 259 17.76 4.56 8.42
CA LYS A 259 16.32 4.71 8.62
C LYS A 259 15.56 3.58 7.96
N ALA A 260 15.94 3.24 6.73
CA ALA A 260 15.29 2.17 5.99
C ALA A 260 15.46 0.81 6.68
N THR A 261 16.64 0.57 7.24
CA THR A 261 16.90 -0.69 7.93
C THR A 261 16.04 -0.78 9.18
N LYS A 262 15.91 0.32 9.91
CA LYS A 262 15.09 0.33 11.11
C LYS A 262 13.63 0.10 10.73
N MET A 263 13.16 0.75 9.67
CA MET A 263 11.78 0.60 9.21
C MET A 263 11.52 -0.86 8.84
N GLY A 264 12.50 -1.48 8.18
CA GLY A 264 12.36 -2.88 7.80
C GLY A 264 12.35 -3.80 9.01
N ASP A 265 12.93 -3.34 10.13
CA ASP A 265 12.96 -4.15 11.35
C ASP A 265 11.56 -4.19 11.94
N TYR A 266 10.93 -3.01 12.03
CA TYR A 266 9.58 -2.91 12.56
C TYR A 266 8.53 -3.49 11.62
N LEU A 267 8.81 -3.45 10.32
CA LEU A 267 7.89 -3.97 9.31
C LEU A 267 7.57 -5.45 9.53
N ARG A 268 8.36 -6.12 10.35
CA ARG A 268 8.13 -7.53 10.63
C ARG A 268 6.80 -7.77 11.36
N TYR A 269 6.21 -6.72 11.93
CA TYR A 269 4.93 -6.91 12.62
C TYR A 269 3.83 -7.34 11.65
N SER A 270 4.04 -7.10 10.35
CA SER A 270 3.03 -7.49 9.36
C SER A 270 3.12 -9.00 9.10
N PHE A 271 4.15 -9.64 9.65
CA PHE A 271 4.34 -11.09 9.49
C PHE A 271 3.39 -11.87 10.39
N PHE A 272 2.73 -11.18 11.33
CA PHE A 272 1.87 -11.86 12.28
C PHE A 272 0.37 -11.79 12.13
N ASP A 273 -0.28 -12.86 12.57
CA ASP A 273 -1.72 -12.95 12.57
C ASP A 273 -2.21 -11.78 13.42
N LYS A 274 -3.34 -11.21 13.03
CA LYS A 274 -3.93 -10.07 13.72
C LYS A 274 -3.86 -10.12 15.24
N TYR A 275 -4.31 -11.23 15.83
CA TYR A 275 -4.31 -11.37 17.28
C TYR A 275 -3.34 -12.45 17.72
N PHE A 276 -2.30 -12.64 16.92
CA PHE A 276 -1.27 -13.62 17.18
C PHE A 276 -1.81 -15.03 17.44
N ARG A 277 -2.71 -15.48 16.56
CA ARG A 277 -3.27 -16.82 16.66
C ARG A 277 -2.35 -17.71 15.80
N LYS A 278 -2.21 -18.96 16.17
CA LYS A 278 -1.36 -19.88 15.42
C LYS A 278 -1.83 -19.97 13.97
N ILE A 279 -0.86 -19.95 13.06
CA ILE A 279 -1.16 -20.05 11.63
C ILE A 279 -1.60 -21.48 11.36
N GLY A 280 -2.78 -21.65 10.76
CA GLY A 280 -3.24 -22.99 10.45
C GLY A 280 -4.08 -23.62 11.54
N GLN A 281 -4.09 -23.00 12.71
CA GLN A 281 -4.88 -23.47 13.85
C GLN A 281 -5.38 -22.20 14.54
N PRO A 282 -6.21 -21.42 13.83
CA PRO A 282 -6.78 -20.15 14.30
C PRO A 282 -7.48 -20.10 15.66
N SER A 283 -7.94 -21.23 16.17
CA SER A 283 -8.62 -21.23 17.46
C SER A 283 -7.66 -21.16 18.65
N GLN A 284 -6.38 -21.38 18.39
CA GLN A 284 -5.38 -21.36 19.45
C GLN A 284 -4.47 -20.14 19.48
N ALA A 285 -4.26 -19.61 20.67
CA ALA A 285 -3.38 -18.47 20.85
C ALA A 285 -1.97 -18.95 20.52
N GLY A 286 -1.19 -18.11 19.86
CA GLY A 286 0.16 -18.49 19.50
C GLY A 286 1.11 -18.34 20.68
N THR A 287 2.26 -19.00 20.60
CA THR A 287 3.24 -18.93 21.67
C THR A 287 4.46 -18.17 21.18
N GLY A 288 4.28 -17.41 20.10
CA GLY A 288 5.37 -16.64 19.56
C GLY A 288 5.38 -16.71 18.04
N TYR A 289 6.47 -17.23 17.49
CA TYR A 289 6.59 -17.32 16.05
C TYR A 289 5.65 -18.31 15.38
N ASP A 290 4.92 -19.11 16.14
CA ASP A 290 4.00 -20.03 15.48
C ASP A 290 2.79 -19.23 14.95
N ALA A 291 2.78 -17.93 15.25
CA ALA A 291 1.73 -17.03 14.82
C ALA A 291 2.20 -16.16 13.66
N ALA A 292 3.35 -16.49 13.09
CA ALA A 292 3.87 -15.72 11.96
C ALA A 292 3.68 -16.45 10.65
N HIS A 293 3.02 -15.81 9.69
CA HIS A 293 2.83 -16.41 8.38
C HIS A 293 3.99 -15.99 7.49
N TYR A 294 4.75 -15.01 7.97
CA TYR A 294 5.95 -14.50 7.27
C TYR A 294 5.70 -13.82 5.93
N LEU A 295 4.47 -13.35 5.72
CA LEU A 295 4.13 -12.65 4.49
C LEU A 295 3.84 -11.20 4.86
N LEU A 296 3.89 -10.31 3.89
CA LEU A 296 3.59 -8.91 4.15
C LEU A 296 2.06 -8.84 4.09
N SER A 297 1.43 -8.75 5.26
CA SER A 297 -0.03 -8.71 5.31
C SER A 297 -0.57 -7.33 4.99
N TRP A 298 -1.90 -7.20 5.04
CA TRP A 298 -2.55 -5.95 4.72
C TRP A 298 -2.15 -4.79 5.65
N TYR A 299 -1.70 -5.10 6.86
CA TYR A 299 -1.31 -4.04 7.79
C TYR A 299 -0.89 -4.55 9.15
N TYR A 300 -0.40 -3.61 9.94
CA TYR A 300 -0.06 -3.79 11.34
C TYR A 300 -0.49 -2.42 11.85
N ALA A 301 -1.08 -2.41 13.03
CA ALA A 301 -1.57 -1.16 13.59
C ALA A 301 -1.25 -1.12 15.07
N TRP A 302 -1.24 0.09 15.63
CA TRP A 302 -0.95 0.25 17.03
C TRP A 302 -1.62 1.49 17.55
N GLY A 303 -1.85 1.52 18.86
CA GLY A 303 -2.49 2.65 19.48
C GLY A 303 -2.31 2.60 20.99
N GLY A 304 -2.81 3.62 21.67
CA GLY A 304 -2.68 3.66 23.12
C GLY A 304 -3.50 4.80 23.69
N GLY A 305 -3.48 4.95 25.01
CA GLY A 305 -4.24 6.00 25.64
C GLY A 305 -3.55 7.34 25.63
N ILE A 306 -4.33 8.41 25.65
CA ILE A 306 -3.80 9.76 25.66
C ILE A 306 -3.78 10.29 27.09
N ASP A 307 -4.84 10.05 27.84
CA ASP A 307 -4.87 10.54 29.22
C ASP A 307 -4.66 9.45 30.27
N SER A 308 -4.43 8.22 29.81
CA SER A 308 -4.15 7.09 30.69
C SER A 308 -3.11 6.25 29.93
N THR A 309 -2.30 5.49 30.65
CA THR A 309 -1.24 4.71 30.00
C THR A 309 -1.49 3.22 29.72
N TRP A 310 -1.61 2.92 28.43
CA TRP A 310 -1.82 1.56 27.95
C TRP A 310 -1.63 1.60 26.43
N SER A 311 -1.47 0.44 25.82
CA SER A 311 -1.29 0.39 24.39
C SER A 311 -1.49 -1.02 23.86
N TRP A 312 -1.56 -1.13 22.54
CA TRP A 312 -1.77 -2.41 21.88
C TRP A 312 -1.15 -2.36 20.48
N ILE A 313 -0.97 -3.54 19.90
CA ILE A 313 -0.44 -3.67 18.55
C ILE A 313 -1.11 -4.88 17.92
N ILE A 314 -1.40 -4.80 16.63
CA ILE A 314 -2.01 -5.93 15.94
C ILE A 314 -1.33 -6.12 14.61
N GLY A 315 -1.33 -7.37 14.15
CA GLY A 315 -0.77 -7.67 12.84
C GLY A 315 -2.00 -7.74 11.96
N SER A 316 -2.01 -8.68 11.03
CA SER A 316 -3.14 -8.86 10.14
C SER A 316 -3.15 -10.30 9.65
N SER A 317 -4.33 -10.88 9.58
CA SER A 317 -4.48 -12.26 9.15
C SER A 317 -4.67 -12.39 7.64
N HIS A 318 -4.94 -11.27 6.99
CA HIS A 318 -5.18 -11.27 5.55
C HIS A 318 -3.95 -10.95 4.70
N ASN A 319 -3.68 -11.81 3.73
CA ASN A 319 -2.52 -11.65 2.86
C ASN A 319 -2.87 -11.58 1.37
N HIS A 320 -2.38 -10.52 0.73
CA HIS A 320 -2.61 -10.28 -0.71
C HIS A 320 -1.27 -10.37 -1.44
N PHE A 321 -1.22 -11.06 -2.57
CA PHE A 321 0.04 -11.19 -3.31
C PHE A 321 0.56 -9.84 -3.77
N GLY A 322 -0.37 -8.91 -4.02
CA GLY A 322 0.02 -7.59 -4.48
C GLY A 322 0.91 -6.82 -3.54
N TYR A 323 0.92 -7.20 -2.27
CA TYR A 323 1.72 -6.52 -1.24
C TYR A 323 3.12 -7.10 -1.04
N GLN A 324 3.35 -8.30 -1.53
CA GLN A 324 4.65 -8.94 -1.34
C GLN A 324 5.81 -8.20 -1.99
N ASN A 325 6.99 -8.36 -1.41
CA ASN A 325 8.19 -7.73 -1.93
C ASN A 325 9.40 -8.61 -1.62
N PRO A 326 9.63 -9.64 -2.46
CA PRO A 326 10.74 -10.58 -2.32
C PRO A 326 12.09 -9.86 -2.36
N PHE A 327 12.16 -8.77 -3.13
CA PHE A 327 13.39 -8.02 -3.25
C PHE A 327 13.77 -7.37 -1.92
N ALA A 328 12.80 -6.72 -1.27
CA ALA A 328 13.08 -6.08 0.00
C ALA A 328 13.50 -7.13 1.02
N ALA A 329 12.89 -8.32 0.94
CA ALA A 329 13.24 -9.39 1.85
C ALA A 329 14.67 -9.86 1.59
N TRP A 330 15.06 -9.90 0.31
CA TRP A 330 16.41 -10.31 -0.06
C TRP A 330 17.43 -9.32 0.50
N VAL A 331 17.13 -8.04 0.36
CA VAL A 331 18.00 -6.97 0.85
C VAL A 331 18.25 -7.05 2.35
N LEU A 332 17.16 -7.02 3.11
CA LEU A 332 17.23 -7.04 4.57
C LEU A 332 17.81 -8.33 5.16
N SER A 333 17.80 -9.41 4.39
CA SER A 333 18.34 -10.67 4.90
C SER A 333 19.72 -11.04 4.37
N THR A 334 20.20 -10.36 3.33
CA THR A 334 21.50 -10.71 2.79
C THR A 334 22.55 -9.60 2.68
N ASP A 335 22.12 -8.36 2.52
CA ASP A 335 23.08 -7.27 2.39
C ASP A 335 23.50 -6.76 3.78
N ALA A 336 24.79 -6.88 4.06
CA ALA A 336 25.34 -6.47 5.35
C ALA A 336 25.03 -5.02 5.71
N ASN A 337 24.93 -4.15 4.71
CA ASN A 337 24.64 -2.74 4.96
C ASN A 337 23.21 -2.52 5.44
N PHE A 338 22.31 -3.45 5.11
CA PHE A 338 20.90 -3.34 5.52
C PHE A 338 20.50 -4.37 6.57
N LYS A 339 21.47 -4.85 7.35
CA LYS A 339 21.16 -5.83 8.39
C LYS A 339 20.47 -5.12 9.55
N PRO A 340 19.27 -5.58 9.94
CA PRO A 340 18.56 -4.95 11.05
C PRO A 340 19.32 -5.15 12.37
N LYS A 341 19.23 -4.17 13.27
CA LYS A 341 19.92 -4.25 14.56
C LYS A 341 19.34 -5.30 15.51
N SER A 342 18.07 -5.63 15.35
CA SER A 342 17.43 -6.62 16.23
C SER A 342 18.09 -7.98 16.05
N SER A 343 18.00 -8.82 17.07
CA SER A 343 18.61 -10.14 17.02
C SER A 343 18.11 -11.05 15.90
N ASN A 344 16.81 -11.04 15.64
CA ASN A 344 16.26 -11.92 14.61
C ASN A 344 15.79 -11.25 13.33
N GLY A 345 16.06 -9.95 13.19
CA GLY A 345 15.63 -9.23 12.00
C GLY A 345 15.99 -9.86 10.66
N ALA A 346 17.28 -10.03 10.43
CA ALA A 346 17.76 -10.60 9.18
C ALA A 346 17.26 -12.02 8.89
N SER A 347 17.26 -12.86 9.92
CA SER A 347 16.82 -14.24 9.75
C SER A 347 15.31 -14.35 9.47
N ASP A 348 14.51 -13.50 10.12
CA ASP A 348 13.07 -13.51 9.89
C ASP A 348 12.80 -13.12 8.44
N TRP A 349 13.57 -12.16 7.95
CA TRP A 349 13.41 -11.72 6.57
C TRP A 349 13.85 -12.80 5.60
N ALA A 350 14.76 -13.66 6.03
CA ALA A 350 15.23 -14.77 5.20
C ALA A 350 14.08 -15.75 5.05
N LYS A 351 13.38 -15.99 6.15
CA LYS A 351 12.24 -16.90 6.13
C LYS A 351 11.12 -16.32 5.27
N SER A 352 10.91 -15.01 5.38
CA SER A 352 9.86 -14.34 4.60
C SER A 352 10.15 -14.44 3.11
N LEU A 353 11.41 -14.26 2.71
CA LEU A 353 11.74 -14.36 1.30
C LEU A 353 11.31 -15.72 0.72
N ASP A 354 11.66 -16.82 1.41
CA ASP A 354 11.28 -18.13 0.92
C ASP A 354 9.77 -18.33 0.95
N ARG A 355 9.13 -17.88 2.03
CA ARG A 355 7.69 -18.02 2.16
C ARG A 355 6.95 -17.22 1.08
N GLN A 356 7.43 -16.02 0.80
CA GLN A 356 6.81 -15.16 -0.21
C GLN A 356 6.83 -15.79 -1.61
N LEU A 357 7.97 -16.37 -1.98
CA LEU A 357 8.08 -16.99 -3.29
C LEU A 357 7.18 -18.22 -3.41
N GLU A 358 6.97 -18.92 -2.29
CA GLU A 358 6.08 -20.06 -2.31
C GLU A 358 4.66 -19.53 -2.53
N PHE A 359 4.35 -18.42 -1.87
CA PHE A 359 3.03 -17.79 -1.97
C PHE A 359 2.68 -17.43 -3.42
N TYR A 360 3.61 -16.77 -4.11
CA TYR A 360 3.41 -16.39 -5.50
C TYR A 360 3.13 -17.62 -6.36
N GLN A 361 3.97 -18.64 -6.23
CA GLN A 361 3.82 -19.84 -7.04
C GLN A 361 2.49 -20.56 -6.77
N TRP A 362 2.10 -20.64 -5.50
CA TRP A 362 0.85 -21.28 -5.15
C TRP A 362 -0.32 -20.59 -5.84
N LEU A 363 -0.23 -19.26 -5.96
CA LEU A 363 -1.29 -18.46 -6.58
C LEU A 363 -1.25 -18.27 -8.08
N GLN A 364 -0.25 -18.83 -8.76
CA GLN A 364 -0.16 -18.65 -10.21
C GLN A 364 -1.18 -19.46 -10.99
N SER A 365 -2.08 -18.75 -11.66
CA SER A 365 -3.13 -19.37 -12.44
C SER A 365 -2.61 -20.18 -13.62
N ALA A 366 -3.51 -20.96 -14.22
CA ALA A 366 -3.18 -21.78 -15.36
C ALA A 366 -2.58 -20.89 -16.46
N GLU A 367 -3.12 -19.69 -16.62
CA GLU A 367 -2.66 -18.74 -17.64
C GLU A 367 -1.36 -18.01 -17.29
N GLY A 368 -1.18 -17.68 -16.01
CA GLY A 368 0.03 -16.99 -15.61
C GLY A 368 -0.18 -15.84 -14.64
N ALA A 369 -1.36 -15.24 -14.66
CA ALA A 369 -1.68 -14.13 -13.76
C ALA A 369 -1.69 -14.67 -12.33
N ILE A 370 -1.43 -13.81 -11.35
CA ILE A 370 -1.40 -14.24 -9.95
C ILE A 370 -2.74 -14.01 -9.24
N ALA A 371 -3.25 -15.07 -8.61
CA ALA A 371 -4.52 -14.99 -7.89
C ALA A 371 -4.37 -14.24 -6.56
N GLY A 372 -5.51 -13.92 -5.95
CA GLY A 372 -5.58 -13.15 -4.72
C GLY A 372 -4.66 -13.33 -3.51
N GLY A 373 -4.98 -14.29 -2.66
CA GLY A 373 -4.15 -14.51 -1.49
C GLY A 373 -4.77 -15.52 -0.53
N ALA A 374 -4.53 -15.33 0.76
CA ALA A 374 -5.05 -16.24 1.77
C ALA A 374 -5.23 -15.52 3.10
N THR A 375 -5.99 -16.14 3.98
CA THR A 375 -6.25 -15.54 5.28
C THR A 375 -6.18 -16.58 6.38
N ASN A 376 -5.76 -16.16 7.56
CA ASN A 376 -5.71 -17.07 8.68
C ASN A 376 -6.95 -16.85 9.54
N SER A 377 -7.81 -15.93 9.11
CA SER A 377 -9.03 -15.62 9.86
C SER A 377 -10.25 -15.61 8.95
N TRP A 378 -10.80 -16.79 8.68
CA TRP A 378 -11.97 -16.88 7.79
C TRP A 378 -13.08 -15.97 8.27
N ASN A 379 -13.56 -15.12 7.38
CA ASN A 379 -14.62 -14.16 7.67
C ASN A 379 -14.21 -13.17 8.75
N GLY A 380 -12.91 -13.12 9.04
CA GLY A 380 -12.41 -12.20 10.04
C GLY A 380 -12.80 -12.52 11.46
N ARG A 381 -13.27 -13.75 11.68
CA ARG A 381 -13.68 -14.18 13.02
C ARG A 381 -13.13 -15.57 13.32
N TYR A 382 -12.04 -15.93 12.66
CA TYR A 382 -11.42 -17.23 12.87
C TYR A 382 -12.45 -18.35 12.75
N GLU A 383 -13.36 -18.25 11.78
CA GLU A 383 -14.36 -19.29 11.62
C GLU A 383 -13.73 -20.49 10.91
N ALA A 384 -14.49 -21.57 10.83
CA ALA A 384 -14.01 -22.78 10.18
C ALA A 384 -13.91 -22.56 8.67
N VAL A 385 -12.80 -23.02 8.09
CA VAL A 385 -12.62 -22.88 6.66
C VAL A 385 -13.50 -23.90 5.95
N PRO A 386 -14.37 -23.43 5.05
CA PRO A 386 -15.26 -24.35 4.32
C PRO A 386 -14.51 -25.56 3.80
N SER A 387 -15.17 -26.71 3.79
CA SER A 387 -14.54 -27.92 3.29
C SER A 387 -14.39 -27.73 1.77
N GLY A 388 -13.28 -28.18 1.21
CA GLY A 388 -13.07 -28.01 -0.22
C GLY A 388 -12.29 -26.76 -0.58
N THR A 389 -12.07 -25.89 0.40
CA THR A 389 -11.32 -24.66 0.17
C THR A 389 -9.82 -24.97 0.21
N SER A 390 -9.09 -24.54 -0.82
CA SER A 390 -7.65 -24.77 -0.86
C SER A 390 -6.93 -23.99 0.22
N THR A 391 -5.81 -24.51 0.69
CA THR A 391 -5.05 -23.85 1.73
C THR A 391 -3.57 -23.73 1.45
N PHE A 392 -2.94 -22.78 2.13
CA PHE A 392 -1.51 -22.49 2.02
C PHE A 392 -1.04 -22.41 3.47
N TYR A 393 -0.39 -23.47 3.94
CA TYR A 393 0.09 -23.54 5.31
C TYR A 393 -1.08 -23.38 6.29
N GLY A 394 -2.20 -24.01 5.96
CA GLY A 394 -3.37 -23.93 6.83
C GLY A 394 -4.25 -22.72 6.63
N MET A 395 -3.80 -21.77 5.79
CA MET A 395 -4.59 -20.58 5.54
C MET A 395 -5.46 -20.79 4.30
N GLY A 396 -6.71 -20.38 4.38
CA GLY A 396 -7.64 -20.56 3.27
C GLY A 396 -7.51 -19.54 2.16
N TYR A 397 -7.63 -20.02 0.93
CA TYR A 397 -7.55 -19.18 -0.27
C TYR A 397 -8.72 -18.20 -0.34
N VAL A 398 -8.41 -16.94 -0.61
CA VAL A 398 -9.45 -15.92 -0.77
C VAL A 398 -9.19 -15.23 -2.10
N GLU A 399 -10.21 -15.21 -2.94
CA GLU A 399 -10.11 -14.62 -4.27
C GLU A 399 -9.84 -13.12 -4.24
N ASN A 400 -10.49 -12.43 -3.30
CA ASN A 400 -10.33 -11.00 -3.16
C ASN A 400 -10.09 -10.64 -1.69
N PRO A 401 -8.83 -10.76 -1.24
CA PRO A 401 -8.43 -10.47 0.14
C PRO A 401 -8.84 -9.09 0.66
N VAL A 402 -9.30 -9.05 1.90
CA VAL A 402 -9.68 -7.83 2.59
C VAL A 402 -10.86 -6.98 2.09
N TYR A 403 -10.90 -6.66 0.80
CA TYR A 403 -11.99 -5.84 0.27
C TYR A 403 -12.80 -6.47 -0.85
N ALA A 404 -14.09 -6.23 -0.84
CA ALA A 404 -14.99 -6.78 -1.85
C ALA A 404 -15.71 -5.68 -2.64
N ASP A 405 -15.54 -4.42 -2.23
CA ASP A 405 -16.22 -3.30 -2.89
C ASP A 405 -15.24 -2.20 -3.33
N PRO A 406 -14.56 -2.38 -4.47
CA PRO A 406 -14.63 -3.53 -5.39
C PRO A 406 -13.62 -4.59 -4.94
N GLY A 407 -13.62 -5.75 -5.61
CA GLY A 407 -12.69 -6.81 -5.24
C GLY A 407 -11.23 -6.37 -5.36
N SER A 408 -10.48 -6.54 -4.27
CA SER A 408 -9.07 -6.15 -4.22
C SER A 408 -8.20 -6.78 -5.30
N ASN A 409 -8.64 -7.87 -5.92
CA ASN A 409 -7.82 -8.44 -6.97
C ASN A 409 -8.51 -8.46 -8.34
N THR A 410 -9.32 -7.43 -8.60
CA THR A 410 -9.99 -7.30 -9.89
C THR A 410 -9.30 -6.20 -10.70
N TRP A 411 -8.38 -5.47 -10.05
CA TRP A 411 -7.61 -4.40 -10.69
C TRP A 411 -6.26 -4.98 -11.16
N PHE A 412 -5.97 -4.79 -12.44
CA PHE A 412 -4.73 -5.30 -13.04
C PHE A 412 -3.48 -4.75 -12.37
N GLY A 413 -3.58 -3.54 -11.81
CA GLY A 413 -2.43 -2.90 -11.16
C GLY A 413 -1.64 -3.76 -10.19
N MET A 414 -2.32 -4.56 -9.38
CA MET A 414 -1.62 -5.41 -8.42
C MET A 414 -0.63 -6.34 -9.11
N GLN A 415 -0.98 -6.83 -10.30
CA GLN A 415 -0.11 -7.73 -11.05
C GLN A 415 1.28 -7.15 -11.31
N VAL A 416 1.34 -5.94 -11.88
CA VAL A 416 2.62 -5.33 -12.22
C VAL A 416 3.39 -4.76 -11.03
N TRP A 417 2.68 -4.19 -10.06
CA TRP A 417 3.35 -3.66 -8.89
C TRP A 417 4.12 -4.76 -8.17
N SER A 418 3.47 -5.91 -7.99
CA SER A 418 4.08 -7.02 -7.29
C SER A 418 5.12 -7.78 -8.13
N MET A 419 4.79 -8.09 -9.39
CA MET A 419 5.75 -8.81 -10.22
C MET A 419 7.01 -8.02 -10.57
N GLN A 420 6.93 -6.70 -10.49
CA GLN A 420 8.08 -5.84 -10.77
C GLN A 420 9.18 -6.14 -9.75
N ARG A 421 8.77 -6.42 -8.50
CA ARG A 421 9.71 -6.73 -7.43
C ARG A 421 10.34 -8.10 -7.66
N VAL A 422 9.56 -9.01 -8.22
CA VAL A 422 10.06 -10.34 -8.53
C VAL A 422 11.10 -10.19 -9.65
N ALA A 423 10.84 -9.29 -10.58
CA ALA A 423 11.76 -9.04 -11.69
C ALA A 423 13.10 -8.47 -11.20
N GLU A 424 13.05 -7.56 -10.23
CA GLU A 424 14.30 -7.00 -9.71
C GLU A 424 15.13 -8.10 -9.05
N LEU A 425 14.46 -8.95 -8.26
CA LEU A 425 15.13 -10.06 -7.59
C LEU A 425 15.78 -11.00 -8.61
N TYR A 426 15.04 -11.34 -9.65
CA TYR A 426 15.53 -12.23 -10.70
C TYR A 426 16.73 -11.60 -11.38
N TYR A 427 16.65 -10.30 -11.62
CA TYR A 427 17.74 -9.58 -12.27
C TYR A 427 19.01 -9.63 -11.43
N LYS A 428 18.89 -9.41 -10.12
CA LYS A 428 20.04 -9.39 -9.22
C LYS A 428 20.62 -10.73 -8.82
N THR A 429 19.77 -11.73 -8.64
CA THR A 429 20.26 -13.02 -8.18
C THR A 429 20.11 -14.17 -9.15
N GLY A 430 19.30 -14.01 -10.18
CA GLY A 430 19.10 -15.09 -11.13
C GLY A 430 18.33 -16.23 -10.48
N ASP A 431 17.71 -15.94 -9.33
CA ASP A 431 16.93 -16.94 -8.59
C ASP A 431 15.98 -17.76 -9.47
N ALA A 432 16.09 -19.08 -9.39
CA ALA A 432 15.27 -20.01 -10.18
C ALA A 432 13.78 -19.93 -9.92
N ARG A 433 13.40 -19.71 -8.68
CA ARG A 433 11.98 -19.61 -8.34
C ARG A 433 11.38 -18.40 -9.05
N ALA A 434 12.11 -17.29 -9.02
CA ALA A 434 11.67 -16.05 -9.65
C ALA A 434 11.61 -16.19 -11.17
N LYS A 435 12.58 -16.89 -11.76
CA LYS A 435 12.60 -17.09 -13.21
C LYS A 435 11.34 -17.84 -13.62
N LYS A 436 11.07 -18.94 -12.93
CA LYS A 436 9.92 -19.77 -13.22
C LYS A 436 8.61 -18.98 -13.22
N LEU A 437 8.44 -18.10 -12.23
CA LEU A 437 7.23 -17.28 -12.12
C LEU A 437 7.12 -16.29 -13.27
N LEU A 438 8.23 -15.63 -13.58
CA LEU A 438 8.25 -14.64 -14.65
C LEU A 438 8.11 -15.19 -16.06
N ASP A 439 8.75 -16.32 -16.35
CA ASP A 439 8.62 -16.90 -17.70
C ASP A 439 7.15 -17.09 -18.04
N LYS A 440 6.38 -17.61 -17.09
CA LYS A 440 4.97 -17.85 -17.34
C LYS A 440 4.13 -16.56 -17.28
N TRP A 441 4.42 -15.69 -16.34
CA TRP A 441 3.66 -14.44 -16.23
C TRP A 441 3.90 -13.52 -17.40
N ALA A 442 5.16 -13.38 -17.81
CA ALA A 442 5.51 -12.51 -18.94
C ALA A 442 4.86 -12.99 -20.24
N LYS A 443 4.79 -14.31 -20.45
CA LYS A 443 4.18 -14.81 -21.67
C LYS A 443 2.69 -14.49 -21.66
N TRP A 444 2.09 -14.50 -20.48
CA TRP A 444 0.68 -14.17 -20.38
C TRP A 444 0.41 -12.72 -20.73
N ILE A 445 1.09 -11.81 -20.04
CA ILE A 445 0.88 -10.38 -20.26
C ILE A 445 1.33 -9.87 -21.65
N ASN A 446 2.36 -10.46 -22.22
CA ASN A 446 2.81 -10.01 -23.55
C ASN A 446 1.73 -10.28 -24.59
N GLY A 447 0.90 -11.28 -24.34
CA GLY A 447 -0.16 -11.58 -25.28
C GLY A 447 -1.41 -10.76 -25.03
N GLU A 448 -1.36 -9.87 -24.04
CA GLU A 448 -2.53 -9.04 -23.70
C GLU A 448 -2.28 -7.55 -23.92
N ILE A 449 -1.16 -7.20 -24.54
CA ILE A 449 -0.85 -5.81 -24.80
C ILE A 449 -1.27 -5.50 -26.23
N LYS A 450 -2.12 -4.50 -26.42
CA LYS A 450 -2.60 -4.15 -27.75
C LYS A 450 -2.17 -2.76 -28.20
N PHE A 451 -1.43 -2.70 -29.29
CA PHE A 451 -0.97 -1.44 -29.86
C PHE A 451 -1.85 -1.07 -31.04
N ASN A 452 -2.32 0.17 -31.09
CA ASN A 452 -3.17 0.63 -32.18
C ASN A 452 -2.38 1.41 -33.23
N ALA A 453 -2.91 1.45 -34.45
CA ALA A 453 -2.26 2.12 -35.56
C ALA A 453 -1.98 3.61 -35.32
N ASP A 454 -2.77 4.25 -34.47
CA ASP A 454 -2.58 5.67 -34.21
C ASP A 454 -1.61 5.97 -33.07
N GLY A 455 -0.93 4.93 -32.59
CA GLY A 455 0.03 5.14 -31.52
C GLY A 455 -0.47 4.91 -30.10
N THR A 456 -1.78 4.75 -29.93
CA THR A 456 -2.32 4.51 -28.61
C THR A 456 -2.24 3.01 -28.33
N PHE A 457 -2.55 2.61 -27.09
CA PHE A 457 -2.47 1.21 -26.72
C PHE A 457 -3.45 0.88 -25.61
N GLN A 458 -3.60 -0.41 -25.36
CA GLN A 458 -4.48 -0.88 -24.30
C GLN A 458 -3.83 -2.07 -23.62
N ILE A 459 -4.10 -2.21 -22.32
CA ILE A 459 -3.60 -3.32 -21.51
C ILE A 459 -4.77 -3.69 -20.59
N PRO A 460 -4.71 -4.89 -19.99
CA PRO A 460 -5.81 -5.29 -19.10
C PRO A 460 -6.09 -4.23 -18.04
N SER A 461 -7.36 -4.04 -17.71
CA SER A 461 -7.75 -3.05 -16.72
C SER A 461 -8.45 -3.75 -15.57
N THR A 462 -9.56 -4.40 -15.89
CA THR A 462 -10.34 -5.14 -14.91
C THR A 462 -10.23 -6.64 -15.23
N ILE A 463 -10.03 -7.45 -14.20
CA ILE A 463 -9.92 -8.89 -14.41
C ILE A 463 -10.84 -9.65 -13.48
N ASP A 464 -11.12 -10.90 -13.81
CA ASP A 464 -11.99 -11.71 -12.98
C ASP A 464 -11.37 -13.09 -12.81
N TRP A 465 -11.88 -13.84 -11.84
CA TRP A 465 -11.33 -15.16 -11.56
C TRP A 465 -12.36 -16.28 -11.46
N GLU A 466 -11.88 -17.50 -11.70
CA GLU A 466 -12.69 -18.69 -11.64
C GLU A 466 -11.85 -19.81 -11.03
N GLY A 467 -12.46 -20.60 -10.15
CA GLY A 467 -11.76 -21.70 -9.53
C GLY A 467 -10.89 -21.31 -8.35
N GLN A 468 -9.90 -22.14 -8.05
CA GLN A 468 -8.99 -21.89 -6.95
C GLN A 468 -7.72 -22.68 -7.18
N PRO A 469 -6.61 -22.28 -6.56
CA PRO A 469 -5.36 -23.02 -6.75
C PRO A 469 -5.44 -24.37 -6.02
N ASP A 470 -4.56 -25.29 -6.36
CA ASP A 470 -4.54 -26.58 -5.67
C ASP A 470 -3.88 -26.33 -4.32
N THR A 471 -4.25 -27.12 -3.31
CA THR A 471 -3.66 -26.95 -1.99
C THR A 471 -2.15 -27.06 -2.10
N TRP A 472 -1.46 -26.17 -1.40
CA TRP A 472 -0.01 -26.13 -1.45
C TRP A 472 0.71 -27.21 -0.64
N ASN A 473 1.54 -27.97 -1.32
CA ASN A 473 2.34 -29.02 -0.70
C ASN A 473 3.76 -28.58 -1.04
N PRO A 474 4.47 -28.01 -0.06
CA PRO A 474 5.85 -27.52 -0.23
C PRO A 474 6.81 -28.50 -0.89
N THR A 475 6.58 -29.79 -0.71
CA THR A 475 7.47 -30.79 -1.28
C THR A 475 7.08 -31.15 -2.72
N GLN A 476 5.82 -30.91 -3.06
CA GLN A 476 5.32 -31.20 -4.41
C GLN A 476 5.58 -30.00 -5.30
N GLY A 477 5.33 -28.80 -4.77
CA GLY A 477 5.54 -27.59 -5.54
C GLY A 477 4.36 -27.29 -6.45
N TYR A 478 4.61 -26.43 -7.44
CA TYR A 478 3.60 -26.00 -8.39
C TYR A 478 3.01 -27.17 -9.18
N THR A 479 1.68 -27.27 -9.17
CA THR A 479 0.95 -28.32 -9.88
C THR A 479 0.47 -27.81 -11.23
N GLY A 480 0.54 -26.50 -11.42
CA GLY A 480 0.10 -25.89 -12.66
C GLY A 480 -1.26 -25.23 -12.51
N ASN A 481 -1.92 -25.53 -11.41
CA ASN A 481 -3.25 -24.97 -11.10
C ASN A 481 -4.17 -24.93 -12.32
N ALA A 482 -4.43 -26.10 -12.90
CA ALA A 482 -5.28 -26.22 -14.09
C ALA A 482 -6.71 -25.72 -13.88
N ASN A 483 -7.17 -25.64 -12.64
CA ASN A 483 -8.53 -25.18 -12.38
C ASN A 483 -8.63 -23.74 -11.88
N LEU A 484 -7.52 -23.00 -11.95
CA LEU A 484 -7.49 -21.59 -11.55
C LEU A 484 -7.30 -20.77 -12.82
N HIS A 485 -8.30 -19.96 -13.14
CA HIS A 485 -8.25 -19.16 -14.36
C HIS A 485 -8.50 -17.67 -14.16
N VAL A 486 -7.79 -16.85 -14.94
CA VAL A 486 -7.97 -15.41 -14.92
C VAL A 486 -8.71 -15.05 -16.19
N LYS A 487 -9.55 -14.02 -16.13
CA LYS A 487 -10.28 -13.55 -17.30
C LYS A 487 -10.13 -12.04 -17.36
N VAL A 488 -9.77 -11.51 -18.52
CA VAL A 488 -9.64 -10.07 -18.66
C VAL A 488 -11.04 -9.56 -19.00
N VAL A 489 -11.64 -8.79 -18.09
CA VAL A 489 -12.98 -8.26 -18.31
C VAL A 489 -12.96 -7.10 -19.31
N ASN A 490 -12.08 -6.12 -19.11
CA ASN A 490 -11.96 -5.00 -20.03
C ASN A 490 -10.54 -4.46 -20.06
N TYR A 491 -10.24 -3.70 -21.11
CA TYR A 491 -8.92 -3.10 -21.28
C TYR A 491 -9.00 -1.60 -21.09
N GLY A 492 -7.84 -0.98 -20.88
CA GLY A 492 -7.81 0.45 -20.69
C GLY A 492 -6.41 0.98 -20.94
N THR A 493 -6.20 2.24 -20.60
CA THR A 493 -4.91 2.87 -20.80
C THR A 493 -4.46 3.58 -19.54
N ASP A 494 -4.34 2.80 -18.46
CA ASP A 494 -3.90 3.33 -17.18
C ASP A 494 -2.38 3.52 -17.33
N LEU A 495 -1.95 4.77 -17.37
CA LEU A 495 -0.55 5.11 -17.56
C LEU A 495 0.37 4.68 -16.40
N GLY A 496 -0.19 4.59 -15.20
CA GLY A 496 0.60 4.16 -14.06
C GLY A 496 0.87 2.66 -14.20
N CYS A 497 -0.19 1.90 -14.49
CA CYS A 497 -0.06 0.46 -14.65
C CYS A 497 0.83 0.14 -15.85
N ALA A 498 0.67 0.88 -16.94
CA ALA A 498 1.49 0.65 -18.14
C ALA A 498 2.96 0.92 -17.86
N SER A 499 3.24 1.91 -17.02
CA SER A 499 4.62 2.25 -16.67
C SER A 499 5.22 1.15 -15.80
N SER A 500 4.48 0.71 -14.80
CA SER A 500 4.95 -0.36 -13.92
C SER A 500 5.19 -1.61 -14.76
N LEU A 501 4.31 -1.86 -15.73
CA LEU A 501 4.45 -3.02 -16.60
C LEU A 501 5.74 -2.92 -17.42
N ALA A 502 6.03 -1.74 -17.95
CA ALA A 502 7.25 -1.55 -18.73
C ALA A 502 8.46 -1.86 -17.86
N ASN A 503 8.43 -1.38 -16.62
CA ASN A 503 9.48 -1.61 -15.64
C ASN A 503 9.73 -3.11 -15.45
N THR A 504 8.65 -3.83 -15.18
CA THR A 504 8.73 -5.27 -14.97
C THR A 504 9.37 -5.99 -16.17
N LEU A 505 8.85 -5.71 -17.37
CA LEU A 505 9.35 -6.34 -18.58
C LEU A 505 10.81 -5.99 -18.87
N THR A 506 11.23 -4.78 -18.54
CA THR A 506 12.60 -4.36 -18.77
C THR A 506 13.56 -5.19 -17.92
N TYR A 507 13.31 -5.25 -16.61
CA TYR A 507 14.18 -6.03 -15.72
C TYR A 507 14.22 -7.48 -16.16
N TYR A 508 13.06 -8.01 -16.52
CA TYR A 508 12.98 -9.41 -16.95
C TYR A 508 13.75 -9.63 -18.25
N ALA A 509 13.55 -8.76 -19.23
CA ALA A 509 14.24 -8.89 -20.51
C ALA A 509 15.75 -8.79 -20.32
N ALA A 510 16.20 -7.81 -19.55
CA ALA A 510 17.62 -7.61 -19.31
C ALA A 510 18.29 -8.88 -18.81
N LYS A 511 17.60 -9.64 -17.98
CA LYS A 511 18.16 -10.87 -17.42
C LYS A 511 17.95 -12.12 -18.27
N SER A 512 16.76 -12.26 -18.85
CA SER A 512 16.45 -13.44 -19.64
C SER A 512 16.78 -13.38 -21.13
N GLY A 513 16.92 -12.17 -21.66
CA GLY A 513 17.22 -12.03 -23.07
C GLY A 513 15.97 -12.08 -23.95
N ASP A 514 14.80 -12.16 -23.32
CA ASP A 514 13.54 -12.22 -24.05
C ASP A 514 13.30 -10.93 -24.84
N GLU A 515 13.46 -11.00 -26.17
CA GLU A 515 13.28 -9.82 -27.01
C GLU A 515 11.86 -9.27 -27.00
N THR A 516 10.88 -10.18 -27.00
CA THR A 516 9.48 -9.77 -26.99
C THR A 516 9.19 -8.84 -25.82
N SER A 517 9.71 -9.18 -24.64
CA SER A 517 9.51 -8.35 -23.46
C SER A 517 10.21 -7.02 -23.61
N ARG A 518 11.43 -7.03 -24.13
CA ARG A 518 12.16 -5.79 -24.29
C ARG A 518 11.48 -4.85 -25.28
N GLN A 519 11.02 -5.36 -26.42
CA GLN A 519 10.41 -4.47 -27.38
C GLN A 519 9.02 -3.97 -26.92
N ASN A 520 8.29 -4.79 -26.17
CA ASN A 520 7.01 -4.34 -25.67
C ASN A 520 7.23 -3.23 -24.64
N ALA A 521 8.24 -3.39 -23.80
CA ALA A 521 8.56 -2.40 -22.78
C ALA A 521 8.91 -1.07 -23.44
N GLN A 522 9.77 -1.10 -24.46
CA GLN A 522 10.16 0.13 -25.15
C GLN A 522 8.98 0.76 -25.89
N LYS A 523 8.17 -0.06 -26.57
CA LYS A 523 7.03 0.47 -27.30
C LYS A 523 6.06 1.16 -26.33
N LEU A 524 5.91 0.59 -25.13
CA LEU A 524 5.02 1.16 -24.13
C LEU A 524 5.54 2.54 -23.71
N LEU A 525 6.83 2.60 -23.39
CA LEU A 525 7.44 3.86 -22.96
C LEU A 525 7.37 4.92 -24.06
N ASP A 526 7.62 4.50 -25.31
CA ASP A 526 7.59 5.43 -26.44
C ASP A 526 6.19 5.94 -26.71
N ALA A 527 5.22 5.04 -26.73
CA ALA A 527 3.82 5.39 -26.96
C ALA A 527 3.36 6.41 -25.92
N MET A 528 3.73 6.19 -24.66
CA MET A 528 3.32 7.10 -23.60
C MET A 528 4.00 8.46 -23.75
N TRP A 529 5.29 8.44 -24.08
CA TRP A 529 6.04 9.69 -24.26
C TRP A 529 5.51 10.49 -25.46
N ASN A 530 5.34 9.81 -26.59
CA ASN A 530 4.89 10.48 -27.80
C ASN A 530 3.42 10.89 -27.84
N ASN A 531 2.53 10.07 -27.31
CA ASN A 531 1.12 10.42 -27.41
C ASN A 531 0.38 10.89 -26.17
N TYR A 532 0.99 10.81 -24.99
CA TYR A 532 0.28 11.23 -23.79
C TYR A 532 0.97 12.31 -22.95
N SER A 533 2.01 12.92 -23.47
CA SER A 533 2.69 13.95 -22.71
C SER A 533 1.90 15.25 -22.63
N ASP A 534 2.03 15.95 -21.51
CA ASP A 534 1.40 17.25 -21.35
C ASP A 534 2.39 18.08 -20.52
N SER A 535 2.05 19.32 -20.21
CA SER A 535 2.99 20.15 -19.48
C SER A 535 3.27 19.73 -18.03
N LYS A 536 2.50 18.79 -17.50
CA LYS A 536 2.70 18.36 -16.13
C LYS A 536 3.24 16.94 -15.98
N GLY A 537 3.43 16.26 -17.10
CA GLY A 537 3.94 14.90 -17.09
C GLY A 537 3.24 14.16 -18.20
N ILE A 538 2.39 13.21 -17.85
CA ILE A 538 1.61 12.50 -18.85
C ILE A 538 0.21 12.36 -18.31
N SER A 539 -0.75 12.17 -19.19
CA SER A 539 -2.13 12.01 -18.76
C SER A 539 -2.99 11.60 -19.93
N THR A 540 -4.20 11.17 -19.62
CA THR A 540 -5.16 10.75 -20.63
C THR A 540 -6.52 11.00 -20.00
N VAL A 541 -7.57 10.98 -20.81
CA VAL A 541 -8.90 11.18 -20.28
C VAL A 541 -9.43 9.83 -19.83
N GLU A 542 -9.97 9.77 -18.62
CA GLU A 542 -10.51 8.52 -18.12
C GLU A 542 -11.89 8.72 -17.52
N GLN A 543 -12.69 7.66 -17.58
CA GLN A 543 -14.02 7.72 -17.03
C GLN A 543 -14.02 7.42 -15.54
N ARG A 544 -14.84 8.15 -14.80
CA ARG A 544 -14.94 7.98 -13.35
C ARG A 544 -16.32 7.35 -13.10
N GLY A 545 -16.43 6.08 -13.46
CA GLY A 545 -17.67 5.35 -13.31
C GLY A 545 -18.32 5.31 -11.93
N ASP A 546 -17.54 5.47 -10.88
CA ASP A 546 -18.09 5.42 -9.52
C ASP A 546 -18.47 6.76 -8.92
N TYR A 547 -18.18 7.84 -9.63
CA TYR A 547 -18.49 9.16 -9.09
C TYR A 547 -19.96 9.44 -8.77
N HIS A 548 -20.88 8.61 -9.25
CA HIS A 548 -22.28 8.82 -8.91
C HIS A 548 -22.48 8.62 -7.41
N ARG A 549 -21.56 7.87 -6.78
CA ARG A 549 -21.63 7.60 -5.35
C ARG A 549 -21.41 8.86 -4.50
N PHE A 550 -20.88 9.91 -5.11
CA PHE A 550 -20.66 11.18 -4.42
C PHE A 550 -22.02 11.62 -3.89
N LEU A 551 -23.04 11.43 -4.72
CA LEU A 551 -24.39 11.84 -4.37
C LEU A 551 -25.35 10.75 -3.90
N ASP A 552 -25.20 9.53 -4.39
CA ASP A 552 -26.13 8.49 -3.97
C ASP A 552 -25.66 7.43 -2.98
N GLN A 553 -24.43 7.53 -2.49
CA GLN A 553 -23.96 6.54 -1.52
C GLN A 553 -24.32 6.93 -0.10
N GLU A 554 -25.16 6.14 0.52
CA GLU A 554 -25.55 6.41 1.90
C GLU A 554 -24.43 5.89 2.78
N VAL A 555 -24.12 6.64 3.84
CA VAL A 555 -23.08 6.23 4.77
C VAL A 555 -23.77 5.74 6.04
N PHE A 556 -23.42 4.54 6.50
CA PHE A 556 -24.04 4.00 7.70
C PHE A 556 -23.57 4.70 8.97
N VAL A 557 -24.53 5.01 9.83
CA VAL A 557 -24.28 5.65 11.12
C VAL A 557 -25.22 4.91 12.07
N PRO A 558 -24.69 4.41 13.21
CA PRO A 558 -25.50 3.68 14.18
C PRO A 558 -26.72 4.47 14.68
N ALA A 559 -27.80 3.75 14.94
CA ALA A 559 -29.04 4.36 15.43
C ALA A 559 -28.79 5.17 16.70
N GLY A 560 -29.26 6.42 16.72
CA GLY A 560 -29.08 7.26 17.88
C GLY A 560 -27.76 8.01 18.00
N TRP A 561 -26.81 7.69 17.13
CA TRP A 561 -25.50 8.35 17.16
C TRP A 561 -25.55 9.64 16.34
N THR A 562 -25.13 10.75 16.94
CA THR A 562 -25.09 12.02 16.21
C THR A 562 -23.78 12.72 16.55
N GLY A 563 -23.21 13.43 15.58
CA GLY A 563 -21.97 14.14 15.78
C GLY A 563 -21.71 15.15 14.69
N LYS A 564 -20.61 15.89 14.81
CA LYS A 564 -20.28 16.89 13.82
C LYS A 564 -18.84 16.80 13.33
N MET A 565 -18.65 17.06 12.05
CA MET A 565 -17.32 17.08 11.45
C MET A 565 -16.82 18.48 11.85
N PRO A 566 -15.50 18.68 11.89
CA PRO A 566 -14.97 20.01 12.26
C PRO A 566 -15.63 21.22 11.61
N ASN A 567 -16.03 21.10 10.34
CA ASN A 567 -16.66 22.21 9.63
C ASN A 567 -18.15 22.38 9.93
N GLY A 568 -18.67 21.55 10.83
CA GLY A 568 -20.08 21.66 11.18
C GLY A 568 -21.01 20.64 10.52
N ASP A 569 -20.52 19.90 9.54
CA ASP A 569 -21.37 18.90 8.89
C ASP A 569 -21.91 17.91 9.93
N VAL A 570 -23.22 17.74 9.94
CA VAL A 570 -23.86 16.83 10.88
C VAL A 570 -23.71 15.38 10.44
N ILE A 571 -23.33 14.51 11.38
CA ILE A 571 -23.18 13.09 11.09
C ILE A 571 -24.34 12.39 11.79
N LYS A 572 -25.16 11.71 11.01
CA LYS A 572 -26.30 10.99 11.55
C LYS A 572 -26.84 10.07 10.48
N SER A 573 -27.66 9.12 10.90
CA SER A 573 -28.23 8.17 9.98
C SER A 573 -28.89 8.90 8.81
N GLY A 574 -28.65 8.42 7.59
CA GLY A 574 -29.24 9.06 6.43
C GLY A 574 -28.32 9.90 5.57
N VAL A 575 -27.17 10.29 6.10
CA VAL A 575 -26.24 11.11 5.33
C VAL A 575 -25.64 10.38 4.14
N LYS A 576 -25.32 11.14 3.11
CA LYS A 576 -24.70 10.60 1.91
C LYS A 576 -23.23 11.01 1.99
N PHE A 577 -22.42 10.44 1.11
CA PHE A 577 -21.00 10.74 1.05
C PHE A 577 -20.71 12.24 1.10
N ILE A 578 -21.36 12.99 0.21
CA ILE A 578 -21.15 14.44 0.13
C ILE A 578 -21.59 15.19 1.38
N ASP A 579 -22.55 14.62 2.12
CA ASP A 579 -23.06 15.29 3.31
C ASP A 579 -22.07 15.53 4.43
N ILE A 580 -21.07 14.66 4.57
CA ILE A 580 -20.09 14.87 5.62
C ILE A 580 -18.76 15.41 5.07
N ARG A 581 -18.81 15.88 3.83
CA ARG A 581 -17.65 16.46 3.13
C ARG A 581 -18.18 17.61 2.26
N SER A 582 -19.00 18.48 2.85
CA SER A 582 -19.60 19.57 2.10
C SER A 582 -18.63 20.55 1.45
N LYS A 583 -17.37 20.57 1.91
CA LYS A 583 -16.38 21.48 1.33
C LYS A 583 -16.07 21.10 -0.12
N TYR A 584 -16.37 19.85 -0.49
CA TYR A 584 -16.12 19.38 -1.84
C TYR A 584 -16.90 20.22 -2.85
N LYS A 585 -17.98 20.85 -2.41
CA LYS A 585 -18.79 21.65 -3.31
C LYS A 585 -18.09 22.92 -3.80
N GLN A 586 -16.99 23.29 -3.14
CA GLN A 586 -16.23 24.48 -3.52
C GLN A 586 -15.09 24.10 -4.47
N ASP A 587 -14.98 22.81 -4.78
CA ASP A 587 -13.93 22.33 -5.66
C ASP A 587 -14.19 22.85 -7.07
N PRO A 588 -13.13 23.33 -7.76
CA PRO A 588 -13.25 23.85 -9.12
C PRO A 588 -13.95 22.91 -10.11
N GLU A 589 -13.76 21.60 -9.95
CA GLU A 589 -14.37 20.62 -10.84
C GLU A 589 -15.75 20.14 -10.41
N TRP A 590 -16.24 20.59 -9.26
CA TRP A 590 -17.53 20.14 -8.75
C TRP A 590 -18.72 20.34 -9.71
N GLN A 591 -18.94 21.58 -10.13
CA GLN A 591 -20.05 21.89 -11.04
C GLN A 591 -19.97 21.05 -12.32
N THR A 592 -18.77 20.89 -12.87
CA THR A 592 -18.59 20.10 -14.07
C THR A 592 -19.00 18.65 -13.82
N MET A 593 -18.57 18.10 -12.70
CA MET A 593 -18.89 16.72 -12.34
C MET A 593 -20.40 16.53 -12.18
N VAL A 594 -21.04 17.39 -11.39
CA VAL A 594 -22.48 17.30 -11.17
C VAL A 594 -23.29 17.48 -12.45
N ALA A 595 -22.86 18.38 -13.33
CA ALA A 595 -23.57 18.61 -14.58
C ALA A 595 -23.63 17.31 -15.38
N ALA A 596 -22.51 16.59 -15.40
CA ALA A 596 -22.42 15.33 -16.13
C ALA A 596 -23.35 14.28 -15.52
N LEU A 597 -23.41 14.23 -14.20
CA LEU A 597 -24.28 13.25 -13.55
C LEU A 597 -25.74 13.57 -13.84
N GLN A 598 -26.09 14.85 -13.83
CA GLN A 598 -27.45 15.29 -14.10
C GLN A 598 -27.89 14.94 -15.52
N ALA A 599 -26.96 14.94 -16.45
CA ALA A 599 -27.27 14.64 -17.84
C ALA A 599 -27.19 13.15 -18.12
N GLY A 600 -27.06 12.35 -17.06
CA GLY A 600 -26.98 10.92 -17.21
C GLY A 600 -25.70 10.42 -17.83
N GLN A 601 -24.65 11.25 -17.82
CA GLN A 601 -23.37 10.86 -18.40
C GLN A 601 -22.37 10.45 -17.32
N VAL A 602 -21.33 9.74 -17.74
CA VAL A 602 -20.27 9.30 -16.84
C VAL A 602 -19.25 10.44 -16.82
N PRO A 603 -18.88 10.93 -15.62
CA PRO A 603 -17.91 12.02 -15.58
C PRO A 603 -16.55 11.51 -16.05
N THR A 604 -15.74 12.42 -16.60
CA THR A 604 -14.40 12.08 -17.05
C THR A 604 -13.44 13.04 -16.39
N GLN A 605 -12.19 12.64 -16.29
CA GLN A 605 -11.16 13.47 -15.69
C GLN A 605 -9.83 13.20 -16.37
N ARG A 606 -8.93 14.17 -16.26
CA ARG A 606 -7.59 14.04 -16.80
C ARG A 606 -6.79 14.17 -15.51
N LEU A 607 -6.29 13.04 -15.02
CA LEU A 607 -5.58 13.03 -13.75
C LEU A 607 -4.07 12.84 -13.73
N HIS A 608 -3.44 13.53 -12.78
CA HIS A 608 -2.00 13.44 -12.60
C HIS A 608 -1.73 12.90 -11.20
N ARG A 609 -1.76 11.58 -11.08
CA ARG A 609 -1.52 10.92 -9.79
C ARG A 609 0.00 10.88 -9.58
N PHE A 610 0.45 11.30 -8.41
CA PHE A 610 1.88 11.33 -8.11
C PHE A 610 2.59 10.01 -8.37
N TRP A 611 2.06 8.91 -7.86
CA TRP A 611 2.69 7.63 -8.05
C TRP A 611 2.79 7.22 -9.51
N ALA A 612 1.80 7.60 -10.32
CA ALA A 612 1.80 7.26 -11.74
C ALA A 612 2.90 8.01 -12.48
N GLN A 613 3.01 9.31 -12.21
CA GLN A 613 4.03 10.12 -12.87
C GLN A 613 5.42 9.60 -12.51
N SER A 614 5.64 9.29 -11.22
CA SER A 614 6.92 8.76 -10.77
C SER A 614 7.19 7.40 -11.38
N GLU A 615 6.15 6.58 -11.47
CA GLU A 615 6.27 5.26 -12.05
C GLU A 615 6.80 5.39 -13.48
N PHE A 616 6.24 6.34 -14.23
CA PHE A 616 6.65 6.56 -15.62
C PHE A 616 8.10 7.04 -15.66
N ALA A 617 8.43 8.01 -14.83
CA ALA A 617 9.78 8.53 -14.77
C ALA A 617 10.76 7.40 -14.50
N VAL A 618 10.55 6.69 -13.39
CA VAL A 618 11.42 5.59 -12.99
C VAL A 618 11.57 4.54 -14.09
N ALA A 619 10.46 4.21 -14.75
CA ALA A 619 10.50 3.21 -15.81
C ALA A 619 11.45 3.67 -16.93
N ASN A 620 11.46 4.97 -17.22
CA ASN A 620 12.36 5.47 -18.25
C ASN A 620 13.80 5.31 -17.78
N GLY A 621 14.06 5.61 -16.51
CA GLY A 621 15.41 5.49 -15.98
C GLY A 621 15.92 4.07 -15.99
N VAL A 622 15.06 3.14 -15.58
CA VAL A 622 15.40 1.73 -15.54
C VAL A 622 15.80 1.26 -16.95
N TYR A 623 15.00 1.63 -17.94
CA TYR A 623 15.29 1.22 -19.32
C TYR A 623 16.62 1.83 -19.77
N ALA A 624 16.84 3.09 -19.44
CA ALA A 624 18.08 3.76 -19.82
C ALA A 624 19.31 3.03 -19.29
N ILE A 625 19.22 2.52 -18.06
CA ILE A 625 20.33 1.82 -17.43
C ILE A 625 20.56 0.40 -17.91
N LEU A 626 19.48 -0.35 -18.11
CA LEU A 626 19.60 -1.74 -18.54
C LEU A 626 19.83 -1.95 -20.03
N PHE A 627 19.46 -0.97 -20.84
CA PHE A 627 19.65 -1.08 -22.29
C PHE A 627 20.28 0.23 -22.79
N PRO A 628 21.55 0.46 -22.40
CA PRO A 628 22.33 1.65 -22.77
C PRO A 628 22.59 1.85 -24.26
N ASP A 629 22.57 0.76 -25.02
CA ASP A 629 22.79 0.87 -26.46
C ASP A 629 21.47 0.96 -27.21
#